data_6PF0
#
_entry.id   6PF0
#
_entity_poly.entity_id   1
_entity_poly.type   'polypeptide(L)'
_entity_poly.pdbx_seq_one_letter_code
;FFHHIFRGIVHVGKTIHRLVTG(NH2)
;
_entity_poly.pdbx_strand_id   A
#
loop_
_chem_comp.id
_chem_comp.type
_chem_comp.name
_chem_comp.formula
NH2 non-polymer 'AMINO GROUP' 'H2 N'
#
# COMPACT_ATOMS: atom_id res chain seq x y z
N PHE A 1 -14.46 -5.71 6.24
CA PHE A 1 -13.58 -6.75 5.63
C PHE A 1 -13.02 -6.25 4.30
N PHE A 2 -13.90 -5.86 3.38
CA PHE A 2 -13.46 -5.37 2.06
C PHE A 2 -12.62 -4.09 2.21
N HIS A 3 -13.09 -3.16 3.04
CA HIS A 3 -12.38 -1.91 3.28
C HIS A 3 -10.99 -2.15 3.88
N HIS A 4 -10.90 -3.13 4.78
CA HIS A 4 -9.64 -3.47 5.43
C HIS A 4 -8.65 -4.09 4.41
N ILE A 5 -9.19 -4.98 3.57
CA ILE A 5 -8.40 -5.65 2.54
C ILE A 5 -7.86 -4.65 1.51
N PHE A 6 -8.73 -3.72 1.09
CA PHE A 6 -8.34 -2.69 0.12
C PHE A 6 -7.32 -1.72 0.72
N ARG A 7 -7.53 -1.37 2.00
CA ARG A 7 -6.64 -0.44 2.70
C ARG A 7 -5.20 -1.00 2.77
N GLY A 8 -5.09 -2.30 3.05
CA GLY A 8 -3.77 -2.95 3.14
C GLY A 8 -3.04 -2.94 1.79
N ILE A 9 -3.81 -3.04 0.70
CA ILE A 9 -3.24 -3.01 -0.65
C ILE A 9 -2.61 -1.64 -0.93
N VAL A 10 -3.31 -0.58 -0.53
CA VAL A 10 -2.83 0.80 -0.73
C VAL A 10 -1.53 1.05 0.04
N HIS A 11 -1.47 0.53 1.28
CA HIS A 11 -0.25 0.68 2.10
C HIS A 11 0.91 -0.14 1.52
N VAL A 12 0.60 -1.33 1.01
CA VAL A 12 1.63 -2.20 0.42
C VAL A 12 2.26 -1.50 -0.81
N GLY A 13 1.40 -0.97 -1.68
CA GLY A 13 1.88 -0.26 -2.88
C GLY A 13 2.59 1.03 -2.50
N LYS A 14 2.05 1.74 -1.52
CA LYS A 14 2.64 2.99 -1.02
C LYS A 14 4.05 2.74 -0.48
N THR A 15 4.21 1.64 0.25
CA THR A 15 5.51 1.28 0.82
C THR A 15 6.53 1.00 -0.29
N ILE A 16 6.11 0.25 -1.31
CA ILE A 16 6.99 -0.06 -2.45
C ILE A 16 7.37 1.23 -3.21
N HIS A 17 6.38 2.08 -3.46
CA HIS A 17 6.61 3.34 -4.17
C HIS A 17 7.58 4.24 -3.41
N ARG A 18 7.46 4.27 -2.08
CA ARG A 18 8.34 5.09 -1.25
C ARG A 18 9.79 4.55 -1.29
N LEU A 19 9.94 3.24 -1.20
CA LEU A 19 11.27 2.61 -1.23
C LEU A 19 11.97 2.83 -2.58
N VAL A 20 11.21 2.67 -3.66
CA VAL A 20 11.75 2.85 -5.02
C VAL A 20 12.11 4.33 -5.27
N THR A 21 11.20 5.22 -4.90
CA THR A 21 11.40 6.67 -5.09
C THR A 21 12.42 7.24 -4.11
N GLY A 22 13.48 7.85 -4.63
CA GLY A 22 14.52 8.44 -3.76
C GLY A 22 14.31 9.94 -3.59
N NH2 A 23 15.04 10.77 -4.27
HN1 NH2 A 23 15.74 10.42 -4.90
N PHE A 1 -14.14 -6.02 6.62
CA PHE A 1 -13.25 -7.05 6.01
C PHE A 1 -12.76 -6.57 4.64
N PHE A 2 -13.70 -6.25 3.74
CA PHE A 2 -13.34 -5.78 2.40
C PHE A 2 -12.58 -4.44 2.46
N HIS A 3 -13.06 -3.55 3.31
CA HIS A 3 -12.43 -2.22 3.47
C HIS A 3 -10.99 -2.37 3.95
N HIS A 4 -10.76 -3.35 4.83
CA HIS A 4 -9.42 -3.61 5.37
C HIS A 4 -8.49 -4.13 4.27
N ILE A 5 -9.04 -5.00 3.43
CA ILE A 5 -8.30 -5.60 2.31
C ILE A 5 -7.88 -4.53 1.28
N PHE A 6 -8.80 -3.61 0.96
CA PHE A 6 -8.49 -2.53 0.01
C PHE A 6 -7.48 -1.54 0.61
N ARG A 7 -7.62 -1.26 1.91
CA ARG A 7 -6.72 -0.32 2.60
C ARG A 7 -5.28 -0.86 2.64
N GLY A 8 -5.16 -2.17 2.91
CA GLY A 8 -3.84 -2.82 2.97
C GLY A 8 -3.12 -2.79 1.62
N ILE A 9 -3.89 -2.88 0.54
CA ILE A 9 -3.33 -2.83 -0.82
C ILE A 9 -2.71 -1.46 -1.09
N VAL A 10 -3.43 -0.40 -0.71
CA VAL A 10 -2.97 0.97 -0.90
C VAL A 10 -1.70 1.25 -0.09
N HIS A 11 -1.67 0.78 1.16
CA HIS A 11 -0.49 0.99 2.02
C HIS A 11 0.72 0.20 1.48
N VAL A 12 0.47 -1.04 1.05
CA VAL A 12 1.53 -1.89 0.50
C VAL A 12 2.13 -1.24 -0.77
N GLY A 13 1.25 -0.78 -1.68
CA GLY A 13 1.69 -0.12 -2.92
C GLY A 13 2.43 1.18 -2.60
N LYS A 14 1.91 1.93 -1.63
CA LYS A 14 2.50 3.19 -1.20
C LYS A 14 3.91 2.96 -0.64
N THR A 15 4.06 1.89 0.13
CA THR A 15 5.34 1.54 0.73
C THR A 15 6.37 1.17 -0.35
N ILE A 16 5.92 0.40 -1.34
CA ILE A 16 6.81 -0.02 -2.44
C ILE A 16 7.30 1.19 -3.23
N HIS A 17 6.38 2.12 -3.55
CA HIS A 17 6.73 3.33 -4.29
C HIS A 17 7.70 4.21 -3.50
N ARG A 18 7.48 4.30 -2.19
CA ARG A 18 8.35 5.11 -1.32
C ARG A 18 9.77 4.52 -1.30
N LEU A 19 9.86 3.20 -1.18
CA LEU A 19 11.16 2.51 -1.14
C LEU A 19 11.92 2.69 -2.46
N VAL A 20 11.20 2.54 -3.57
CA VAL A 20 11.80 2.69 -4.90
C VAL A 20 12.27 4.13 -5.15
N THR A 21 11.41 5.09 -4.83
CA THR A 21 11.74 6.51 -5.01
C THR A 21 12.73 7.01 -3.94
N GLY A 22 13.91 7.46 -4.38
CA GLY A 22 14.92 7.96 -3.44
C GLY A 22 16.30 7.43 -3.80
N NH2 A 23 16.49 6.14 -3.85
HN1 NH2 A 23 15.74 5.52 -3.64
N PHE A 1 -14.41 -5.78 6.37
CA PHE A 1 -13.61 -6.84 5.69
C PHE A 1 -13.05 -6.29 4.37
N PHE A 2 -13.92 -5.83 3.47
CA PHE A 2 -13.47 -5.29 2.17
C PHE A 2 -12.60 -4.04 2.35
N HIS A 3 -13.03 -3.13 3.22
CA HIS A 3 -12.28 -1.89 3.47
C HIS A 3 -10.89 -2.21 4.02
N HIS A 4 -10.81 -3.24 4.85
CA HIS A 4 -9.54 -3.68 5.44
C HIS A 4 -8.61 -4.26 4.37
N ILE A 5 -9.18 -5.08 3.49
CA ILE A 5 -8.42 -5.72 2.41
C ILE A 5 -7.89 -4.69 1.39
N PHE A 6 -8.73 -3.74 1.00
CA PHE A 6 -8.32 -2.69 0.06
C PHE A 6 -7.29 -1.74 0.69
N ARG A 7 -7.50 -1.45 1.98
CA ARG A 7 -6.60 -0.55 2.72
C ARG A 7 -5.16 -1.10 2.73
N GLY A 8 -5.04 -2.40 2.99
CA GLY A 8 -3.72 -3.06 3.03
C GLY A 8 -3.02 -3.01 1.66
N ILE A 9 -3.81 -3.09 0.59
CA ILE A 9 -3.25 -3.02 -0.77
C ILE A 9 -2.63 -1.64 -1.01
N VAL A 10 -3.35 -0.59 -0.59
CA VAL A 10 -2.89 0.79 -0.74
C VAL A 10 -1.60 1.03 0.07
N HIS A 11 -1.57 0.52 1.30
CA HIS A 11 -0.38 0.67 2.16
C HIS A 11 0.83 -0.04 1.54
N VAL A 12 0.61 -1.26 1.05
CA VAL A 12 1.69 -2.04 0.42
C VAL A 12 2.22 -1.32 -0.83
N GLY A 13 1.31 -0.83 -1.67
CA GLY A 13 1.70 -0.11 -2.89
C GLY A 13 2.43 1.20 -2.56
N LYS A 14 1.89 1.93 -1.57
CA LYS A 14 2.48 3.20 -1.14
C LYS A 14 3.89 3.00 -0.57
N THR A 15 4.07 1.92 0.20
CA THR A 15 5.36 1.61 0.80
C THR A 15 6.40 1.22 -0.27
N ILE A 16 5.95 0.44 -1.26
CA ILE A 16 6.85 0.01 -2.36
C ILE A 16 7.32 1.23 -3.16
N HIS A 17 6.38 2.13 -3.49
CA HIS A 17 6.72 3.34 -4.26
C HIS A 17 7.68 4.24 -3.48
N ARG A 18 7.47 4.34 -2.15
CA ARG A 18 8.34 5.15 -1.30
C ARG A 18 9.77 4.59 -1.28
N LEU A 19 9.88 3.27 -1.15
CA LEU A 19 11.19 2.60 -1.10
C LEU A 19 11.96 2.75 -2.42
N VAL A 20 11.26 2.56 -3.53
CA VAL A 20 11.87 2.69 -4.86
C VAL A 20 12.26 4.14 -5.18
N THR A 21 11.36 5.07 -4.85
CA THR A 21 11.60 6.49 -5.10
C THR A 21 12.64 7.08 -4.14
N GLY A 22 13.66 7.74 -4.68
CA GLY A 22 14.70 8.34 -3.84
C GLY A 22 15.77 9.01 -4.68
N NH2 A 23 16.79 9.57 -4.10
HN1 NH2 A 23 16.87 9.56 -3.11
N PHE A 1 -14.49 -5.72 6.13
CA PHE A 1 -13.62 -6.76 5.50
C PHE A 1 -13.07 -6.23 4.19
N PHE A 2 -13.95 -5.83 3.26
CA PHE A 2 -13.51 -5.31 1.97
C PHE A 2 -12.67 -4.03 2.13
N HIS A 3 -13.13 -3.12 2.99
CA HIS A 3 -12.42 -1.87 3.24
C HIS A 3 -11.03 -2.13 3.83
N HIS A 4 -10.94 -3.12 4.72
CA HIS A 4 -9.67 -3.47 5.35
C HIS A 4 -8.70 -4.07 4.33
N ILE A 5 -9.22 -4.96 3.48
CA ILE A 5 -8.44 -5.61 2.44
C ILE A 5 -7.92 -4.59 1.42
N PHE A 6 -8.79 -3.66 1.01
CA PHE A 6 -8.42 -2.61 0.06
C PHE A 6 -7.38 -1.66 0.68
N ARG A 7 -7.58 -1.32 1.96
CA ARG A 7 -6.68 -0.41 2.67
C ARG A 7 -5.26 -1.01 2.76
N GLY A 8 -5.19 -2.31 3.03
CA GLY A 8 -3.90 -3.02 3.13
C GLY A 8 -3.15 -3.00 1.79
N ILE A 9 -3.89 -3.09 0.69
CA ILE A 9 -3.30 -3.05 -0.65
C ILE A 9 -2.65 -1.68 -0.91
N VAL A 10 -3.36 -0.62 -0.54
CA VAL A 10 -2.86 0.75 -0.72
C VAL A 10 -1.62 1.00 0.13
N HIS A 11 -1.64 0.53 1.38
CA HIS A 11 -0.50 0.71 2.29
C HIS A 11 0.73 -0.08 1.79
N VAL A 12 0.51 -1.32 1.35
CA VAL A 12 1.60 -2.16 0.85
C VAL A 12 2.28 -1.50 -0.37
N GLY A 13 1.46 -1.05 -1.32
CA GLY A 13 1.98 -0.38 -2.52
C GLY A 13 2.68 0.93 -2.17
N LYS A 14 2.20 1.59 -1.13
CA LYS A 14 2.78 2.85 -0.66
C LYS A 14 4.24 2.64 -0.22
N THR A 15 4.50 1.50 0.44
CA THR A 15 5.86 1.19 0.89
C THR A 15 6.80 0.92 -0.27
N ILE A 16 6.29 0.20 -1.28
CA ILE A 16 7.10 -0.13 -2.47
C ILE A 16 7.45 1.14 -3.25
N HIS A 17 6.46 2.02 -3.44
CA HIS A 17 6.66 3.27 -4.17
C HIS A 17 7.65 4.19 -3.45
N ARG A 18 7.60 4.18 -2.11
CA ARG A 18 8.50 5.02 -1.30
C ARG A 18 9.94 4.53 -1.41
N LEU A 19 10.13 3.21 -1.37
CA LEU A 19 11.48 2.63 -1.47
C LEU A 19 12.11 2.89 -2.84
N VAL A 20 11.32 2.73 -3.90
CA VAL A 20 11.80 2.96 -5.26
C VAL A 20 12.08 4.46 -5.50
N THR A 21 11.13 5.30 -5.09
CA THR A 21 11.27 6.75 -5.26
C THR A 21 12.26 7.36 -4.27
N GLY A 22 13.29 8.03 -4.77
CA GLY A 22 14.29 8.66 -3.89
C GLY A 22 13.72 9.85 -3.12
N NH2 A 23 13.54 10.99 -3.74
HN1 NH2 A 23 13.79 11.08 -4.70
N PHE A 1 -14.23 -5.75 6.38
CA PHE A 1 -13.41 -6.79 5.70
C PHE A 1 -12.89 -6.27 4.36
N PHE A 2 -13.79 -5.84 3.48
CA PHE A 2 -13.39 -5.30 2.17
C PHE A 2 -12.53 -4.05 2.33
N HIS A 3 -12.98 -3.14 3.20
CA HIS A 3 -12.26 -1.89 3.44
C HIS A 3 -10.85 -2.15 4.00
N HIS A 4 -10.75 -3.15 4.88
CA HIS A 4 -9.47 -3.53 5.48
C HIS A 4 -8.53 -4.12 4.42
N ILE A 5 -9.09 -4.97 3.57
CA ILE A 5 -8.33 -5.62 2.49
C ILE A 5 -7.85 -4.58 1.46
N PHE A 6 -8.73 -3.65 1.10
CA PHE A 6 -8.38 -2.58 0.15
C PHE A 6 -7.31 -1.66 0.74
N ARG A 7 -7.45 -1.35 2.03
CA ARG A 7 -6.50 -0.47 2.72
C ARG A 7 -5.09 -1.07 2.71
N GLY A 8 -5.00 -2.38 2.96
CA GLY A 8 -3.71 -3.08 2.96
C GLY A 8 -3.05 -3.06 1.59
N ILE A 9 -3.87 -3.10 0.53
CA ILE A 9 -3.34 -3.06 -0.85
C ILE A 9 -2.70 -1.69 -1.12
N VAL A 10 -3.38 -0.64 -0.68
CA VAL A 10 -2.88 0.73 -0.86
C VAL A 10 -1.61 0.97 -0.03
N HIS A 11 -1.60 0.47 1.21
CA HIS A 11 -0.44 0.64 2.09
C HIS A 11 0.81 -0.03 1.52
N VAL A 12 0.71 -1.30 1.14
CA VAL A 12 1.87 -2.02 0.58
C VAL A 12 2.33 -1.39 -0.74
N GLY A 13 1.37 -1.00 -1.59
CA GLY A 13 1.70 -0.36 -2.87
C GLY A 13 2.43 0.96 -2.66
N LYS A 14 1.90 1.81 -1.78
CA LYS A 14 2.52 3.10 -1.50
C LYS A 14 3.90 2.90 -0.84
N THR A 15 4.00 1.87 0.00
CA THR A 15 5.27 1.55 0.67
C THR A 15 6.34 1.20 -0.37
N ILE A 16 5.94 0.42 -1.38
CA ILE A 16 6.86 0.04 -2.46
C ILE A 16 7.29 1.30 -3.22
N HIS A 17 6.32 2.17 -3.50
CA HIS A 17 6.59 3.43 -4.21
C HIS A 17 7.59 4.30 -3.42
N ARG A 18 7.41 4.37 -2.10
CA ARG A 18 8.30 5.15 -1.25
C ARG A 18 9.71 4.55 -1.25
N LEU A 19 9.80 3.23 -1.13
CA LEU A 19 11.10 2.53 -1.11
C LEU A 19 11.84 2.72 -2.43
N VAL A 20 11.13 2.59 -3.54
CA VAL A 20 11.72 2.75 -4.87
C VAL A 20 12.14 4.21 -5.12
N THR A 21 11.26 5.14 -4.75
CA THR A 21 11.53 6.58 -4.94
C THR A 21 12.55 7.10 -3.93
N GLY A 22 13.65 7.68 -4.42
CA GLY A 22 14.68 8.22 -3.53
C GLY A 22 14.38 9.68 -3.15
N NH2 A 23 14.62 10.63 -4.00
HN1 NH2 A 23 14.98 10.41 -4.91
N PHE A 1 -15.12 -4.92 5.97
CA PHE A 1 -14.34 -6.13 5.55
C PHE A 1 -13.56 -5.81 4.26
N PHE A 2 -14.29 -5.39 3.22
CA PHE A 2 -13.67 -5.05 1.94
C PHE A 2 -12.76 -3.82 2.08
N HIS A 3 -13.21 -2.84 2.87
CA HIS A 3 -12.43 -1.61 3.09
C HIS A 3 -11.08 -1.94 3.73
N HIS A 4 -11.08 -2.94 4.61
CA HIS A 4 -9.84 -3.35 5.29
C HIS A 4 -8.90 -4.06 4.30
N ILE A 5 -9.47 -4.86 3.42
CA ILE A 5 -8.68 -5.60 2.42
C ILE A 5 -8.00 -4.63 1.44
N PHE A 6 -8.76 -3.63 0.97
CA PHE A 6 -8.23 -2.64 0.03
C PHE A 6 -7.21 -1.72 0.71
N ARG A 7 -7.45 -1.42 1.98
CA ARG A 7 -6.56 -0.55 2.76
C ARG A 7 -5.16 -1.17 2.88
N GLY A 8 -5.12 -2.48 3.13
CA GLY A 8 -3.84 -3.19 3.27
C GLY A 8 -3.08 -3.22 1.95
N ILE A 9 -3.82 -3.30 0.85
CA ILE A 9 -3.20 -3.33 -0.49
C ILE A 9 -2.50 -1.99 -0.78
N VAL A 10 -3.18 -0.89 -0.45
CA VAL A 10 -2.63 0.45 -0.67
C VAL A 10 -1.37 0.68 0.18
N HIS A 11 -1.42 0.18 1.42
CA HIS A 11 -0.27 0.33 2.35
C HIS A 11 0.92 -0.49 1.85
N VAL A 12 0.67 -1.71 1.37
CA VAL A 12 1.74 -2.58 0.87
C VAL A 12 2.47 -1.92 -0.31
N GLY A 13 1.70 -1.40 -1.27
CA GLY A 13 2.29 -0.73 -2.45
C GLY A 13 2.97 0.57 -2.05
N LYS A 14 2.47 1.19 -0.99
CA LYS A 14 3.05 2.45 -0.50
C LYS A 14 4.52 2.27 -0.14
N THR A 15 4.86 1.10 0.41
CA THR A 15 6.24 0.81 0.79
C THR A 15 7.15 0.72 -0.44
N ILE A 16 6.66 0.04 -1.48
CA ILE A 16 7.43 -0.12 -2.72
C ILE A 16 7.61 1.25 -3.41
N HIS A 17 6.52 2.02 -3.49
CA HIS A 17 6.57 3.33 -4.14
C HIS A 17 7.53 4.28 -3.40
N ARG A 18 7.50 4.22 -2.07
CA ARG A 18 8.38 5.06 -1.25
C ARG A 18 9.85 4.65 -1.43
N LEU A 19 10.11 3.34 -1.45
CA LEU A 19 11.47 2.83 -1.62
C LEU A 19 12.05 3.22 -2.99
N VAL A 20 11.26 3.04 -4.03
CA VAL A 20 11.69 3.38 -5.39
C VAL A 20 11.85 4.90 -5.57
N THR A 21 10.87 5.65 -5.08
CA THR A 21 10.90 7.11 -5.19
C THR A 21 11.92 7.73 -4.23
N GLY A 22 12.90 8.47 -4.77
CA GLY A 22 13.92 9.09 -3.94
C GLY A 22 13.59 10.56 -3.66
N NH2 A 23 14.48 11.48 -3.88
HN1 NH2 A 23 15.39 11.23 -4.22
N PHE A 1 -14.45 -5.73 6.32
CA PHE A 1 -13.60 -6.78 5.66
C PHE A 1 -13.08 -6.26 4.33
N PHE A 2 -13.98 -5.86 3.43
CA PHE A 2 -13.57 -5.34 2.11
C PHE A 2 -12.73 -4.07 2.26
N HIS A 3 -13.19 -3.16 3.12
CA HIS A 3 -12.49 -1.89 3.36
C HIS A 3 -11.07 -2.15 3.91
N HIS A 4 -10.96 -3.16 4.77
CA HIS A 4 -9.68 -3.54 5.36
C HIS A 4 -8.73 -4.13 4.29
N ILE A 5 -9.29 -4.96 3.43
CA ILE A 5 -8.52 -5.60 2.34
C ILE A 5 -8.00 -4.57 1.34
N PHE A 6 -8.85 -3.61 0.95
CA PHE A 6 -8.43 -2.57 0.02
C PHE A 6 -7.39 -1.63 0.65
N ARG A 7 -7.57 -1.34 1.94
CA ARG A 7 -6.65 -0.46 2.67
C ARG A 7 -5.24 -1.07 2.73
N GLY A 8 -5.17 -2.38 2.99
CA GLY A 8 -3.89 -3.09 3.07
C GLY A 8 -3.14 -3.08 1.74
N ILE A 9 -3.91 -3.14 0.64
CA ILE A 9 -3.31 -3.11 -0.70
C ILE A 9 -2.64 -1.75 -0.96
N VAL A 10 -3.35 -0.68 -0.60
CA VAL A 10 -2.85 0.69 -0.76
C VAL A 10 -1.61 0.93 0.11
N HIS A 11 -1.66 0.46 1.36
CA HIS A 11 -0.54 0.63 2.29
C HIS A 11 0.72 -0.10 1.77
N VAL A 12 0.54 -1.35 1.36
CA VAL A 12 1.66 -2.16 0.85
C VAL A 12 2.27 -1.51 -0.41
N GLY A 13 1.41 -1.08 -1.35
CA GLY A 13 1.87 -0.43 -2.58
C GLY A 13 2.59 0.89 -2.28
N LYS A 14 2.09 1.60 -1.26
CA LYS A 14 2.68 2.89 -0.86
C LYS A 14 4.14 2.71 -0.40
N THR A 15 4.41 1.59 0.29
CA THR A 15 5.77 1.31 0.78
C THR A 15 6.72 1.04 -0.39
N ILE A 16 6.24 0.34 -1.41
CA ILE A 16 7.05 0.02 -2.58
C ILE A 16 7.45 1.31 -3.32
N HIS A 17 6.46 2.18 -3.55
CA HIS A 17 6.71 3.46 -4.24
C HIS A 17 7.70 4.33 -3.47
N ARG A 18 7.57 4.35 -2.14
CA ARG A 18 8.46 5.15 -1.29
C ARG A 18 9.90 4.61 -1.35
N LEU A 19 10.05 3.29 -1.28
CA LEU A 19 11.38 2.67 -1.31
C LEU A 19 12.08 2.89 -2.65
N VAL A 20 11.34 2.72 -3.74
CA VAL A 20 11.87 2.92 -5.09
C VAL A 20 12.20 4.38 -5.36
N THR A 21 11.29 5.28 -4.98
CA THR A 21 11.48 6.72 -5.18
C THR A 21 12.52 7.31 -4.22
N GLY A 22 13.56 7.94 -4.77
CA GLY A 22 14.60 8.54 -3.93
C GLY A 22 15.85 8.84 -4.75
N NH2 A 23 16.67 7.88 -5.06
HN1 NH2 A 23 16.47 6.95 -4.76
N PHE A 1 -15.12 -5.41 6.01
CA PHE A 1 -14.25 -6.53 5.54
C PHE A 1 -13.49 -6.11 4.28
N PHE A 2 -14.21 -5.68 3.25
CA PHE A 2 -13.59 -5.25 1.98
C PHE A 2 -12.74 -3.98 2.17
N HIS A 3 -13.23 -3.05 2.98
CA HIS A 3 -12.51 -1.79 3.22
C HIS A 3 -11.11 -2.03 3.81
N HIS A 4 -11.00 -2.98 4.73
CA HIS A 4 -9.71 -3.30 5.35
C HIS A 4 -8.79 -4.00 4.33
N ILE A 5 -9.36 -4.89 3.53
CA ILE A 5 -8.60 -5.64 2.52
C ILE A 5 -8.00 -4.71 1.46
N PHE A 6 -8.79 -3.74 0.99
CA PHE A 6 -8.31 -2.76 0.00
C PHE A 6 -7.30 -1.81 0.64
N ARG A 7 -7.55 -1.47 1.91
CA ARG A 7 -6.67 -0.56 2.67
C ARG A 7 -5.26 -1.15 2.81
N GLY A 8 -5.19 -2.45 3.11
CA GLY A 8 -3.89 -3.14 3.24
C GLY A 8 -3.11 -3.16 1.92
N ILE A 9 -3.85 -3.26 0.82
CA ILE A 9 -3.24 -3.26 -0.52
C ILE A 9 -2.58 -1.90 -0.80
N VAL A 10 -3.31 -0.83 -0.47
CA VAL A 10 -2.81 0.53 -0.67
C VAL A 10 -1.56 0.82 0.17
N HIS A 11 -1.57 0.37 1.43
CA HIS A 11 -0.42 0.58 2.31
C HIS A 11 0.81 -0.20 1.82
N VAL A 12 0.59 -1.45 1.39
CA VAL A 12 1.69 -2.29 0.90
C VAL A 12 2.34 -1.64 -0.35
N GLY A 13 1.51 -1.18 -1.28
CA GLY A 13 2.00 -0.52 -2.50
C GLY A 13 2.74 0.78 -2.15
N LYS A 14 2.27 1.44 -1.09
CA LYS A 14 2.85 2.69 -0.60
C LYS A 14 4.33 2.50 -0.23
N THR A 15 4.63 1.35 0.39
CA THR A 15 6.01 1.03 0.79
C THR A 15 6.92 0.85 -0.42
N ILE A 16 6.40 0.18 -1.45
CA ILE A 16 7.18 -0.05 -2.67
C ILE A 16 7.47 1.28 -3.38
N HIS A 17 6.43 2.12 -3.50
CA HIS A 17 6.56 3.42 -4.15
C HIS A 17 7.58 4.30 -3.43
N ARG A 18 7.56 4.27 -2.11
CA ARG A 18 8.49 5.06 -1.30
C ARG A 18 9.93 4.58 -1.47
N LEU A 19 10.12 3.26 -1.49
CA LEU A 19 11.47 2.68 -1.62
C LEU A 19 12.14 3.03 -2.96
N VAL A 20 11.39 2.94 -4.06
CA VAL A 20 11.93 3.25 -5.38
C VAL A 20 12.16 4.76 -5.56
N THR A 21 11.23 5.57 -5.05
CA THR A 21 11.33 7.03 -5.15
C THR A 21 12.40 7.60 -4.22
N GLY A 22 13.43 8.24 -4.77
CA GLY A 22 14.49 8.82 -3.96
C GLY A 22 15.79 8.92 -4.74
N NH2 A 23 16.27 7.86 -5.34
HN1 NH2 A 23 15.76 7.01 -5.31
N PHE A 1 -14.29 -5.71 6.73
CA PHE A 1 -13.41 -6.80 6.20
C PHE A 1 -12.91 -6.41 4.81
N PHE A 2 -13.82 -6.12 3.88
CA PHE A 2 -13.44 -5.73 2.52
C PHE A 2 -12.66 -4.41 2.52
N HIS A 3 -13.14 -3.46 3.31
CA HIS A 3 -12.50 -2.14 3.42
C HIS A 3 -11.06 -2.28 3.93
N HIS A 4 -10.85 -3.23 4.84
CA HIS A 4 -9.53 -3.49 5.40
C HIS A 4 -8.59 -4.09 4.34
N ILE A 5 -9.16 -4.98 3.52
CA ILE A 5 -8.40 -5.65 2.45
C ILE A 5 -7.91 -4.63 1.41
N PHE A 6 -8.78 -3.70 1.03
CA PHE A 6 -8.42 -2.65 0.06
C PHE A 6 -7.36 -1.71 0.65
N ARG A 7 -7.49 -1.41 1.94
CA ARG A 7 -6.53 -0.53 2.62
C ARG A 7 -5.13 -1.15 2.65
N GLY A 8 -5.06 -2.45 2.86
CA GLY A 8 -3.77 -3.15 2.90
C GLY A 8 -3.08 -3.10 1.53
N ILE A 9 -3.88 -3.16 0.46
CA ILE A 9 -3.33 -3.10 -0.90
C ILE A 9 -2.75 -1.71 -1.17
N VAL A 10 -3.49 -0.68 -0.78
CA VAL A 10 -3.07 0.71 -0.97
C VAL A 10 -1.80 1.02 -0.16
N HIS A 11 -1.78 0.54 1.09
CA HIS A 11 -0.61 0.77 1.97
C HIS A 11 0.63 0.06 1.42
N VAL A 12 0.44 -1.19 0.97
CA VAL A 12 1.55 -1.97 0.41
C VAL A 12 2.09 -1.31 -0.86
N GLY A 13 1.18 -0.85 -1.73
CA GLY A 13 1.59 -0.19 -2.98
C GLY A 13 2.30 1.14 -2.70
N LYS A 14 1.76 1.93 -1.77
CA LYS A 14 2.34 3.23 -1.43
C LYS A 14 3.73 3.06 -0.80
N THR A 15 3.90 2.02 0.02
CA THR A 15 5.18 1.74 0.67
C THR A 15 6.24 1.38 -0.37
N ILE A 16 5.83 0.69 -1.43
CA ILE A 16 6.74 0.32 -2.51
C ILE A 16 7.25 1.58 -3.22
N HIS A 17 6.35 2.52 -3.48
CA HIS A 17 6.69 3.78 -4.15
C HIS A 17 7.75 4.56 -3.36
N ARG A 18 7.63 4.55 -2.03
CA ARG A 18 8.61 5.23 -1.17
C ARG A 18 9.97 4.52 -1.18
N LEU A 19 9.94 3.19 -1.18
CA LEU A 19 11.17 2.38 -1.19
C LEU A 19 11.99 2.57 -2.47
N VAL A 20 11.33 2.54 -3.63
CA VAL A 20 12.02 2.71 -4.92
C VAL A 20 12.47 4.16 -5.12
N THR A 21 11.63 5.11 -4.72
CA THR A 21 11.93 6.53 -4.86
C THR A 21 13.01 7.00 -3.88
N GLY A 22 14.11 7.53 -4.40
CA GLY A 22 15.19 8.00 -3.53
C GLY A 22 16.33 8.61 -4.35
N NH2 A 23 17.49 8.79 -3.79
HN1 NH2 A 23 17.63 8.55 -2.84
N PHE A 1 -14.20 -6.39 6.60
CA PHE A 1 -13.21 -7.32 5.99
C PHE A 1 -12.73 -6.76 4.64
N PHE A 2 -13.66 -6.48 3.73
CA PHE A 2 -13.31 -5.95 2.40
C PHE A 2 -12.60 -4.58 2.51
N HIS A 3 -13.13 -3.70 3.37
CA HIS A 3 -12.55 -2.36 3.55
C HIS A 3 -11.08 -2.42 4.00
N HIS A 4 -10.77 -3.36 4.89
CA HIS A 4 -9.40 -3.52 5.38
C HIS A 4 -8.47 -4.00 4.25
N ILE A 5 -8.98 -4.91 3.43
CA ILE A 5 -8.22 -5.46 2.29
C ILE A 5 -7.88 -4.37 1.28
N PHE A 6 -8.85 -3.51 0.98
CA PHE A 6 -8.65 -2.40 0.04
C PHE A 6 -7.60 -1.40 0.57
N ARG A 7 -7.72 -1.06 1.86
CA ARG A 7 -6.80 -0.13 2.50
C ARG A 7 -5.38 -0.71 2.57
N GLY A 8 -5.28 -2.01 2.82
CA GLY A 8 -3.98 -2.69 2.90
C GLY A 8 -3.24 -2.67 1.56
N ILE A 9 -3.99 -2.73 0.46
CA ILE A 9 -3.39 -2.68 -0.88
C ILE A 9 -2.73 -1.32 -1.12
N VAL A 10 -3.43 -0.26 -0.73
CA VAL A 10 -2.92 1.12 -0.89
C VAL A 10 -1.64 1.33 -0.08
N HIS A 11 -1.62 0.82 1.16
CA HIS A 11 -0.43 0.95 2.02
C HIS A 11 0.75 0.14 1.46
N VAL A 12 0.45 -1.07 0.96
CA VAL A 12 1.51 -1.93 0.39
C VAL A 12 2.14 -1.24 -0.83
N GLY A 13 1.30 -0.74 -1.74
CA GLY A 13 1.78 -0.05 -2.94
C GLY A 13 2.53 1.23 -2.58
N LYS A 14 2.00 1.96 -1.59
CA LYS A 14 2.61 3.20 -1.11
C LYS A 14 4.00 2.94 -0.54
N THR A 15 4.10 1.85 0.22
CA THR A 15 5.37 1.45 0.83
C THR A 15 6.41 1.08 -0.23
N ILE A 16 5.98 0.31 -1.24
CA ILE A 16 6.87 -0.12 -2.32
C ILE A 16 7.36 1.10 -3.14
N HIS A 17 6.44 2.01 -3.45
CA HIS A 17 6.78 3.21 -4.22
C HIS A 17 7.74 4.11 -3.44
N ARG A 18 7.55 4.18 -2.12
CA ARG A 18 8.43 5.00 -1.26
C ARG A 18 9.86 4.43 -1.24
N LEU A 19 9.98 3.10 -1.12
CA LEU A 19 11.30 2.45 -1.08
C LEU A 19 12.04 2.63 -2.41
N VAL A 20 11.32 2.45 -3.51
CA VAL A 20 11.91 2.59 -4.85
C VAL A 20 12.29 4.05 -5.15
N THR A 21 11.39 4.98 -4.82
CA THR A 21 11.61 6.40 -5.05
C THR A 21 12.61 6.99 -4.06
N GLY A 22 13.69 7.61 -4.56
CA GLY A 22 14.70 8.21 -3.68
C GLY A 22 14.52 9.72 -3.59
N NH2 A 23 15.40 10.51 -4.15
HN1 NH2 A 23 16.18 10.12 -4.64
#